data_5FYV
#
_entry.id   5FYV
#
_cell.length_a   142.180
_cell.length_b   142.180
_cell.length_c   152.150
_cell.angle_alpha   90.00
_cell.angle_beta   90.00
_cell.angle_gamma   120.00
#
_symmetry.space_group_name_H-M   'P 65 2 2'
#
loop_
_entity.id
_entity.type
_entity.pdbx_description
1 polymer 'LYSINE-SPECIFIC DEMETHYLASE 5B'
2 non-polymer 'ZINC ION'
3 non-polymer 'MANGANESE (II) ION'
4 non-polymer '4-(2-HYDROXYETHYL)-1-PIPERAZINE ETHANESULFONIC ACID'
5 non-polymer 1,2-ETHANEDIOL
6 non-polymer 'OXALOACETATE ION'
7 non-polymer 'CHLORIDE ION'
8 non-polymer 'PHOSPHATE ION'
9 water water
#
_entity_poly.entity_id   1
_entity_poly.type   'polypeptide(L)'
_entity_poly.pdbx_seq_one_letter_code
;SMFLPPPECPVFEPSWEEFADPFAFIHKIRPIAEQTGICKVRPPPDWQPPFACDVDKLHFTPRIQRLNELEAQTRVKLGG
GGARDYTLRTFGEMADAFKSDYFNMPVHMVPTELVEKEFWRLVSTIEEDVTVEYGADIASKEFGSGFPVRDGKIKLSPEE
EEYLDSGWNLNNMPVMEQSVLAHITADICGMKLPWLYVGMCFSSFCWHIEDHWSYSINYLHWGEPKTWYGVPGYAAEQLE
NVMKKLAPELFVSQPDLLHQLVTIMNPNTLMTHEVPVYRTNQCAGEFVITFPRAYHSGFNQGFNFAEAVNFCTVDWLPLG
RQCVEHYRLLHRYCVFSHDEMICKMASKADVLDVVVASTVQKDMAIMIEDEKALRETVRKLGVIDSERMDFELLPDDERQ
CVKCKTTCFMSAISCSCKPGLLVCLHHVKELCSCPPYKYKLRYRYTLDDLYPMMNALKLRAESYNEWALNVNEALEAKI
;
_entity_poly.pdbx_strand_id   A
#
loop_
_chem_comp.id
_chem_comp.type
_chem_comp.name
_chem_comp.formula
CL non-polymer 'CHLORIDE ION' 'Cl -1'
EDO non-polymer 1,2-ETHANEDIOL 'C2 H6 O2'
EPE non-polymer '4-(2-HYDROXYETHYL)-1-PIPERAZINE ETHANESULFONIC ACID' 'C8 H18 N2 O4 S'
MN non-polymer 'MANGANESE (II) ION' 'Mn 2'
OAA non-polymer 'OXALOACETATE ION' 'C4 H3 O5 -1'
PO4 non-polymer 'PHOSPHATE ION' 'O4 P -3'
ZN non-polymer 'ZINC ION' 'Zn 2'
#
# COMPACT_ATOMS: atom_id res chain seq x y z
N SER A 1 -25.49 9.67 19.33
CA SER A 1 -25.74 11.07 19.01
C SER A 1 -24.47 11.71 18.48
N MET A 2 -24.59 12.52 17.43
N MET A 2 -24.66 12.50 17.43
CA MET A 2 -23.43 13.22 16.83
CA MET A 2 -23.59 12.93 16.54
C MET A 2 -22.37 12.26 16.25
C MET A 2 -22.58 11.81 16.32
N PHE A 3 -21.51 11.72 17.11
CA PHE A 3 -20.49 10.69 16.76
C PHE A 3 -20.41 9.52 17.74
N LEU A 4 -20.65 8.31 17.22
CA LEU A 4 -20.51 7.10 18.00
C LEU A 4 -19.23 6.39 17.58
N PRO A 5 -18.21 6.38 18.46
CA PRO A 5 -16.93 5.75 18.07
C PRO A 5 -17.10 4.27 17.73
N PRO A 6 -16.48 3.84 16.61
CA PRO A 6 -16.46 2.41 16.29
C PRO A 6 -15.82 1.60 17.41
N PRO A 7 -16.12 0.30 17.48
CA PRO A 7 -15.46 -0.56 18.46
C PRO A 7 -13.96 -0.57 18.23
N GLU A 8 -13.21 -0.82 19.29
CA GLU A 8 -11.74 -0.84 19.21
C GLU A 8 -11.21 -2.01 18.37
N CYS A 9 -10.17 -1.77 17.57
CA CYS A 9 -9.52 -2.89 16.86
C CYS A 9 -8.71 -3.72 17.86
N PRO A 10 -8.26 -4.92 17.46
CA PRO A 10 -7.41 -5.75 18.32
C PRO A 10 -6.09 -5.08 18.64
N VAL A 11 -5.59 -5.32 19.85
CA VAL A 11 -4.31 -4.81 20.30
C VAL A 11 -3.46 -5.97 20.77
N PHE A 12 -2.24 -6.08 20.27
CA PHE A 12 -1.39 -7.20 20.63
C PHE A 12 -0.19 -6.70 21.40
N GLU A 13 0.22 -7.48 22.40
CA GLU A 13 1.42 -7.18 23.17
C GLU A 13 2.33 -8.41 23.16
N PRO A 14 3.09 -8.59 22.07
CA PRO A 14 3.92 -9.79 21.96
C PRO A 14 5.08 -9.85 22.96
N SER A 15 5.39 -11.06 23.41
CA SER A 15 6.59 -11.28 24.20
C SER A 15 7.79 -11.06 23.30
N TRP A 16 8.98 -10.99 23.88
N TRP A 16 8.97 -10.97 23.90
CA TRP A 16 10.19 -10.83 23.08
CA TRP A 16 10.20 -10.86 23.14
C TRP A 16 10.38 -12.04 22.17
C TRP A 16 10.34 -12.04 22.16
N GLU A 17 9.91 -13.21 22.62
CA GLU A 17 9.96 -14.41 21.81
C GLU A 17 9.08 -14.26 20.55
N GLU A 18 7.83 -13.85 20.74
CA GLU A 18 6.89 -13.65 19.63
C GLU A 18 7.37 -12.55 18.70
N PHE A 19 7.93 -11.50 19.31
CA PHE A 19 8.31 -10.27 18.63
C PHE A 19 9.55 -10.45 17.77
N ALA A 20 10.37 -11.44 18.12
CA ALA A 20 11.66 -11.65 17.45
C ALA A 20 11.51 -11.80 15.94
N ASP A 21 10.40 -12.40 15.50
CA ASP A 21 10.17 -12.60 14.08
C ASP A 21 8.84 -11.97 13.66
N PRO A 22 8.90 -10.78 13.06
CA PRO A 22 7.70 -10.04 12.65
C PRO A 22 6.81 -10.85 11.70
N PHE A 23 7.39 -11.57 10.75
CA PHE A 23 6.56 -12.28 9.79
C PHE A 23 5.85 -13.46 10.41
N ALA A 24 6.54 -14.19 11.28
CA ALA A 24 5.89 -15.26 12.04
C ALA A 24 4.76 -14.66 12.89
N PHE A 25 5.03 -13.52 13.52
CA PHE A 25 4.03 -12.86 14.37
C PHE A 25 2.79 -12.41 13.56
N ILE A 26 3.03 -11.74 12.45
CA ILE A 26 1.96 -11.27 11.58
C ILE A 26 1.13 -12.46 11.10
N HIS A 27 1.78 -13.57 10.74
CA HIS A 27 1.06 -14.77 10.35
C HIS A 27 0.22 -15.30 11.50
N LYS A 28 0.76 -15.24 12.70
CA LYS A 28 0.09 -15.73 13.90
C LYS A 28 -1.21 -14.97 14.20
N ILE A 29 -1.15 -13.64 14.17
CA ILE A 29 -2.32 -12.82 14.52
C ILE A 29 -3.32 -12.67 13.37
N ARG A 30 -2.92 -13.12 12.19
CA ARG A 30 -3.73 -12.94 10.98
C ARG A 30 -5.18 -13.40 11.08
N PRO A 31 -5.46 -14.58 11.69
CA PRO A 31 -6.87 -14.98 11.76
C PRO A 31 -7.74 -13.97 12.51
N ILE A 32 -7.19 -13.34 13.55
CA ILE A 32 -7.90 -12.32 14.31
C ILE A 32 -7.95 -11.00 13.55
N ALA A 33 -6.78 -10.50 13.21
CA ALA A 33 -6.65 -9.16 12.64
C ALA A 33 -7.23 -9.00 11.23
N GLU A 34 -7.33 -10.08 10.47
CA GLU A 34 -7.87 -9.91 9.12
C GLU A 34 -9.39 -9.76 9.18
N GLN A 35 -9.98 -10.07 10.34
CA GLN A 35 -11.41 -9.85 10.55
C GLN A 35 -11.72 -8.37 10.86
N THR A 36 -10.69 -7.59 11.19
CA THR A 36 -10.91 -6.20 11.57
C THR A 36 -10.17 -5.24 10.66
N GLY A 37 -9.31 -5.78 9.79
CA GLY A 37 -8.65 -4.98 8.79
C GLY A 37 -7.38 -4.34 9.30
N ILE A 38 -7.45 -3.67 10.45
CA ILE A 38 -6.26 -3.11 11.07
C ILE A 38 -6.09 -3.71 12.48
N CYS A 39 -4.87 -3.63 12.99
CA CYS A 39 -4.62 -4.00 14.38
C CYS A 39 -3.45 -3.18 14.90
N LYS A 40 -3.30 -3.15 16.21
CA LYS A 40 -2.25 -2.37 16.83
C LYS A 40 -1.29 -3.32 17.54
N VAL A 41 0.00 -3.02 17.44
CA VAL A 41 1.00 -3.88 18.06
C VAL A 41 1.90 -3.05 18.93
N ARG A 42 1.93 -3.40 20.23
CA ARG A 42 2.81 -2.76 21.19
C ARG A 42 4.03 -3.62 21.40
N PRO A 43 5.19 -3.11 21.05
CA PRO A 43 6.42 -3.88 21.19
C PRO A 43 6.74 -4.09 22.68
N PRO A 44 7.58 -5.09 23.01
CA PRO A 44 8.05 -5.24 24.40
C PRO A 44 8.56 -3.92 24.94
N PRO A 45 8.39 -3.70 26.26
CA PRO A 45 8.66 -2.41 26.92
C PRO A 45 10.06 -1.85 26.67
N ASP A 46 11.04 -2.73 26.55
CA ASP A 46 12.42 -2.28 26.37
C ASP A 46 12.84 -2.18 24.90
N TRP A 47 12.00 -2.65 23.98
CA TRP A 47 12.28 -2.39 22.56
C TRP A 47 12.04 -0.91 22.32
N GLN A 48 13.12 -0.14 22.32
CA GLN A 48 13.04 1.31 22.24
C GLN A 48 14.06 1.85 21.28
N PRO A 49 13.75 1.83 19.98
CA PRO A 49 14.68 2.34 18.99
C PRO A 49 14.93 3.82 19.20
N PRO A 50 16.20 4.23 19.25
CA PRO A 50 16.48 5.64 19.53
C PRO A 50 16.11 6.51 18.35
N PHE A 51 15.40 7.60 18.60
CA PHE A 51 15.14 8.58 17.56
C PHE A 51 16.04 9.77 17.82
N ALA A 52 16.75 10.20 16.79
CA ALA A 52 17.57 11.40 16.90
C ALA A 52 17.65 12.10 15.56
N CYS A 53 17.43 13.40 15.58
CA CYS A 53 17.53 14.22 14.39
C CYS A 53 17.62 15.68 14.77
N ASP A 54 18.17 16.48 13.87
CA ASP A 54 18.21 17.91 14.06
C ASP A 54 16.92 18.50 13.51
N VAL A 55 16.14 19.11 14.39
CA VAL A 55 14.87 19.71 13.99
C VAL A 55 15.04 20.92 13.10
N ASP A 56 16.27 21.42 12.98
CA ASP A 56 16.52 22.61 12.18
C ASP A 56 17.06 22.29 10.79
N LYS A 57 17.62 21.10 10.62
CA LYS A 57 18.25 20.73 9.36
C LYS A 57 17.35 19.88 8.49
N LEU A 58 16.31 19.31 9.09
CA LEU A 58 15.30 18.58 8.31
C LEU A 58 14.23 19.54 7.80
N HIS A 59 14.13 19.64 6.48
CA HIS A 59 13.20 20.53 5.76
CA HIS A 59 13.08 20.49 5.92
C HIS A 59 12.20 19.69 4.97
N PHE A 60 11.02 20.23 4.70
CA PHE A 60 10.08 19.58 3.78
C PHE A 60 9.03 20.58 3.32
N THR A 61 8.41 20.28 2.20
CA THR A 61 7.35 21.13 1.68
C THR A 61 6.02 20.48 2.05
N PRO A 62 5.15 21.22 2.74
CA PRO A 62 3.94 20.61 3.28
C PRO A 62 2.82 20.60 2.25
N ARG A 63 1.87 19.67 2.37
CA ARG A 63 0.68 19.69 1.56
C ARG A 63 -0.44 20.39 2.32
N ILE A 64 -1.25 21.17 1.60
CA ILE A 64 -2.37 21.86 2.23
C ILE A 64 -3.62 21.00 2.13
N GLN A 65 -4.42 21.00 3.17
CA GLN A 65 -5.52 20.07 3.25
C GLN A 65 -6.78 20.78 3.68
N ARG A 66 -7.80 20.75 2.83
CA ARG A 66 -9.13 21.19 3.19
C ARG A 66 -9.83 20.02 3.88
N LEU A 67 -10.63 20.32 4.88
CA LEU A 67 -11.26 19.30 5.70
C LEU A 67 -12.76 19.25 5.46
N ASN A 68 -13.15 18.70 4.33
CA ASN A 68 -14.55 18.59 3.94
C ASN A 68 -14.93 17.16 3.63
N GLU A 69 -15.87 16.62 4.39
CA GLU A 69 -16.32 15.25 4.15
C GLU A 69 -16.86 15.11 2.73
N LEU A 70 -16.53 13.98 2.11
CA LEU A 70 -16.95 13.61 0.76
C LEU A 70 -16.32 14.44 -0.36
N GLU A 71 -15.49 15.42 -0.03
CA GLU A 71 -14.81 16.19 -1.06
C GLU A 71 -13.62 15.42 -1.63
N ALA A 72 -13.44 15.46 -2.95
CA ALA A 72 -12.36 14.73 -3.61
C ALA A 72 -11.00 15.29 -3.23
N GLN A 73 -10.06 14.40 -2.92
CA GLN A 73 -8.67 14.75 -2.74
C GLN A 73 -7.83 13.80 -3.59
N THR A 74 -6.66 14.26 -4.00
CA THR A 74 -5.77 13.39 -4.75
C THR A 74 -4.82 12.71 -3.78
N ARG A 75 -4.53 11.45 -4.03
CA ARG A 75 -3.69 10.66 -3.14
C ARG A 75 -2.21 11.09 -3.21
N VAL A 76 -1.77 11.50 -4.40
CA VAL A 76 -0.38 11.89 -4.68
C VAL A 76 0.62 10.77 -4.35
N ASP A 85 7.63 26.03 2.68
CA ASP A 85 8.67 25.15 3.21
C ASP A 85 8.82 25.29 4.73
N TYR A 86 8.84 24.16 5.43
CA TYR A 86 9.02 24.16 6.88
C TYR A 86 10.27 23.38 7.27
N THR A 87 10.87 23.75 8.40
CA THR A 87 11.74 22.79 9.08
C THR A 87 10.85 22.02 10.03
N LEU A 88 11.35 20.91 10.55
CA LEU A 88 10.61 20.18 11.56
C LEU A 88 10.27 21.10 12.75
N ARG A 89 11.19 21.99 13.12
CA ARG A 89 10.95 22.92 14.22
C ARG A 89 9.82 23.89 13.91
N THR A 90 9.88 24.54 12.75
CA THR A 90 8.89 25.57 12.43
C THR A 90 7.49 24.96 12.15
N PHE A 91 7.46 23.73 11.65
CA PHE A 91 6.18 23.03 11.49
C PHE A 91 5.60 22.70 12.85
N GLY A 92 6.43 22.21 13.77
CA GLY A 92 6.00 21.93 15.11
C GLY A 92 5.46 23.16 15.81
N GLU A 93 6.14 24.29 15.64
CA GLU A 93 5.68 25.55 16.22
C GLU A 93 4.30 25.93 15.66
N MET A 94 4.16 25.82 14.34
CA MET A 94 2.88 26.10 13.70
C MET A 94 1.81 25.14 14.19
N ALA A 95 2.14 23.86 14.28
CA ALA A 95 1.19 22.82 14.65
C ALA A 95 0.67 23.01 16.09
N ASP A 96 1.57 23.21 17.02
CA ASP A 96 1.21 23.38 18.44
C ASP A 96 0.34 24.62 18.63
N ALA A 97 0.73 25.74 18.01
CA ALA A 97 -0.03 26.98 18.12
C ALA A 97 -1.43 26.81 17.51
N PHE A 98 -1.53 26.10 16.39
CA PHE A 98 -2.84 25.85 15.78
C PHE A 98 -3.77 25.13 16.74
N LYS A 99 -3.30 24.04 17.30
CA LYS A 99 -4.12 23.23 18.18
C LYS A 99 -4.48 24.00 19.44
N SER A 100 -3.48 24.66 20.02
N SER A 100 -3.50 24.66 20.04
CA SER A 100 -3.68 25.41 21.26
CA SER A 100 -3.78 25.37 21.29
C SER A 100 -4.67 26.55 21.07
C SER A 100 -4.72 26.54 21.06
N ASP A 101 -4.61 27.20 19.91
CA ASP A 101 -5.52 28.31 19.59
C ASP A 101 -6.92 27.81 19.26
N TYR A 102 -6.98 26.65 18.61
CA TYR A 102 -8.25 26.06 18.21
C TYR A 102 -9.14 25.75 19.40
N PHE A 103 -8.54 25.20 20.45
CA PHE A 103 -9.30 24.75 21.60
C PHE A 103 -9.17 25.72 22.79
N ASN A 104 -8.32 26.73 22.64
CA ASN A 104 -7.92 27.61 23.75
C ASN A 104 -7.53 26.80 24.99
N MET A 105 -6.68 25.81 24.78
CA MET A 105 -6.19 24.95 25.86
C MET A 105 -4.72 24.59 25.61
N PRO A 106 -3.98 24.20 26.66
CA PRO A 106 -2.65 23.59 26.39
C PRO A 106 -2.79 22.38 25.47
N VAL A 107 -1.79 21.94 24.71
N VAL A 107 -1.86 22.38 24.50
CA VAL A 107 -2.06 20.74 23.86
CA VAL A 107 -1.87 21.63 23.24
C VAL A 107 -2.30 19.35 24.58
C VAL A 107 -1.94 20.17 23.54
N HIS A 108 -1.60 19.08 25.68
N HIS A 108 -1.28 19.80 24.61
CA HIS A 108 -1.71 17.77 26.33
CA HIS A 108 -1.10 18.40 24.92
C HIS A 108 -2.95 17.69 27.19
C HIS A 108 -2.17 17.89 25.89
N MET A 109 -3.67 18.81 27.23
N MET A 109 -3.14 18.72 26.26
CA MET A 109 -4.90 18.85 27.97
CA MET A 109 -4.10 18.37 27.33
C MET A 109 -6.09 18.64 27.05
C MET A 109 -5.55 18.07 26.86
N VAL A 110 -5.91 18.65 25.73
CA VAL A 110 -7.10 18.32 24.91
C VAL A 110 -7.35 16.82 24.79
N PRO A 111 -8.48 16.33 25.34
CA PRO A 111 -8.82 14.91 25.33
C PRO A 111 -8.94 14.33 23.92
N THR A 112 -8.48 13.09 23.73
CA THR A 112 -8.48 12.50 22.39
C THR A 112 -9.91 12.33 21.89
N GLU A 113 -10.83 11.97 22.78
N GLU A 113 -10.81 11.96 22.80
CA GLU A 113 -12.21 11.77 22.35
CA GLU A 113 -12.22 11.79 22.49
C GLU A 113 -12.87 13.09 21.94
C GLU A 113 -12.81 13.08 21.93
N LEU A 114 -12.39 14.21 22.49
CA LEU A 114 -12.87 15.52 22.07
C LEU A 114 -12.34 15.89 20.69
N VAL A 115 -11.05 15.65 20.44
CA VAL A 115 -10.48 15.96 19.13
C VAL A 115 -11.19 15.13 18.05
N GLU A 116 -11.48 13.87 18.35
CA GLU A 116 -12.20 12.99 17.40
C GLU A 116 -13.60 13.49 17.11
N LYS A 117 -14.35 13.78 18.17
CA LYS A 117 -15.71 14.29 18.03
C LYS A 117 -15.69 15.59 17.20
N GLU A 118 -14.73 16.45 17.48
CA GLU A 118 -14.61 17.74 16.80
C GLU A 118 -14.21 17.60 15.36
N PHE A 119 -13.34 16.62 15.06
CA PHE A 119 -12.95 16.35 13.67
C PHE A 119 -14.16 16.02 12.83
N TRP A 120 -15.00 15.12 13.32
CA TRP A 120 -16.14 14.71 12.52
C TRP A 120 -17.21 15.81 12.47
N ARG A 121 -17.24 16.67 13.48
CA ARG A 121 -18.11 17.84 13.39
C ARG A 121 -17.61 18.76 12.29
N LEU A 122 -16.32 19.12 12.32
CA LEU A 122 -15.86 20.13 11.39
C LEU A 122 -15.84 19.66 9.93
N VAL A 123 -15.59 18.38 9.65
CA VAL A 123 -15.56 17.96 8.26
C VAL A 123 -16.98 17.92 7.66
N SER A 124 -17.99 17.84 8.51
CA SER A 124 -19.36 17.71 8.03
C SER A 124 -20.09 19.04 8.00
N THR A 125 -19.48 20.07 8.60
CA THR A 125 -20.09 21.39 8.68
C THR A 125 -19.62 22.31 7.54
N ILE A 126 -20.53 22.62 6.62
CA ILE A 126 -20.23 23.48 5.47
C ILE A 126 -19.62 24.83 5.82
N GLU A 127 -20.15 25.46 6.87
CA GLU A 127 -19.78 26.82 7.24
C GLU A 127 -18.36 26.92 7.78
N GLU A 128 -17.81 25.79 8.22
CA GLU A 128 -16.41 25.74 8.64
C GLU A 128 -15.52 25.48 7.44
N ASP A 129 -14.46 26.25 7.27
CA ASP A 129 -13.47 25.96 6.23
C ASP A 129 -12.06 25.90 6.81
N VAL A 130 -11.89 25.00 7.78
CA VAL A 130 -10.59 24.73 8.39
C VAL A 130 -9.63 24.09 7.41
N THR A 131 -8.45 24.66 7.26
CA THR A 131 -7.42 24.03 6.46
C THR A 131 -6.17 23.77 7.30
N VAL A 132 -5.53 22.63 7.05
CA VAL A 132 -4.35 22.26 7.81
C VAL A 132 -3.25 21.84 6.84
N GLU A 133 -2.06 21.53 7.36
CA GLU A 133 -0.93 21.13 6.53
C GLU A 133 -0.29 19.87 7.06
N TYR A 134 0.47 19.19 6.21
CA TYR A 134 1.17 18.00 6.67
C TYR A 134 2.32 17.63 5.75
N GLY A 135 3.23 16.80 6.24
CA GLY A 135 4.31 16.30 5.43
C GLY A 135 4.15 14.83 5.07
N ALA A 136 4.34 14.50 3.80
CA ALA A 136 4.37 13.10 3.36
C ALA A 136 5.40 12.92 2.23
N ASP A 137 6.47 12.20 2.51
N ASP A 137 6.46 12.17 2.53
CA ASP A 137 7.49 11.97 1.49
CA ASP A 137 7.62 12.07 1.65
C ASP A 137 8.41 10.82 1.84
C ASP A 137 8.44 10.79 1.87
N ILE A 138 8.96 10.18 0.81
CA ILE A 138 9.84 9.03 1.01
C ILE A 138 11.15 9.48 1.59
N ALA A 139 11.85 8.58 2.28
CA ALA A 139 13.16 8.88 2.83
C ALA A 139 14.12 9.35 1.73
N SER A 140 14.74 10.50 1.97
CA SER A 140 15.74 11.06 1.04
C SER A 140 16.84 11.73 1.86
N LYS A 141 17.86 12.23 1.17
CA LYS A 141 18.98 12.86 1.86
C LYS A 141 18.54 14.10 2.64
N GLU A 142 17.51 14.78 2.14
CA GLU A 142 16.95 15.96 2.81
C GLU A 142 16.12 15.55 4.03
N PHE A 143 15.61 14.32 4.02
CA PHE A 143 14.79 13.82 5.12
C PHE A 143 14.77 12.30 5.13
N GLY A 144 15.52 11.70 6.07
CA GLY A 144 15.71 10.26 6.08
C GLY A 144 14.88 9.51 7.11
N SER A 145 15.07 8.19 7.16
CA SER A 145 14.32 7.32 8.05
C SER A 145 14.42 7.71 9.52
N GLY A 146 13.35 7.46 10.28
CA GLY A 146 13.39 7.65 11.71
C GLY A 146 14.10 6.50 12.42
N PHE A 147 14.32 5.40 11.71
CA PHE A 147 15.04 4.26 12.28
C PHE A 147 16.52 4.39 11.94
N PRO A 148 17.39 3.74 12.73
CA PRO A 148 18.82 3.71 12.41
C PRO A 148 19.09 3.02 11.08
N VAL A 149 19.96 3.61 10.27
CA VAL A 149 20.43 2.99 9.04
C VAL A 149 21.97 2.96 9.01
N ARG A 150 22.53 1.98 8.32
CA ARG A 150 23.99 1.90 8.17
C ARG A 150 24.51 3.04 7.30
N ASP A 151 25.43 3.82 7.86
CA ASP A 151 26.09 4.90 7.14
C ASP A 151 27.29 5.42 7.92
N ILE A 154 28.46 8.48 8.95
CA ILE A 154 28.15 8.78 10.34
C ILE A 154 28.26 7.54 11.24
N LYS A 155 28.95 7.71 12.37
CA LYS A 155 29.17 6.63 13.32
C LYS A 155 28.01 6.48 14.30
N LEU A 156 27.46 5.27 14.37
CA LEU A 156 26.30 4.98 15.20
C LEU A 156 26.67 4.53 16.61
N SER A 157 25.83 4.87 17.58
CA SER A 157 25.99 4.40 18.95
C SER A 157 25.62 2.91 19.04
N PRO A 158 26.14 2.21 20.07
CA PRO A 158 25.76 0.81 20.29
C PRO A 158 24.24 0.59 20.35
N GLU A 159 23.50 1.49 20.99
CA GLU A 159 22.05 1.34 21.06
C GLU A 159 21.42 1.39 19.67
N GLU A 160 21.90 2.31 18.82
CA GLU A 160 21.43 2.38 17.43
C GLU A 160 21.80 1.11 16.69
N GLU A 161 22.95 0.52 17.04
CA GLU A 161 23.40 -0.72 16.41
C GLU A 161 22.49 -1.89 16.77
N GLU A 162 21.93 -1.86 17.97
CA GLU A 162 20.96 -2.87 18.39
C GLU A 162 19.78 -2.99 17.41
N TYR A 163 19.40 -1.87 16.81
CA TYR A 163 18.16 -1.77 16.05
C TYR A 163 18.38 -1.74 14.54
N LEU A 164 19.64 -1.85 14.13
CA LEU A 164 19.99 -1.78 12.72
C LEU A 164 19.36 -2.91 11.93
N ASP A 165 19.28 -4.07 12.54
CA ASP A 165 18.94 -5.27 11.80
C ASP A 165 17.60 -5.81 12.25
N SER A 166 16.92 -5.07 13.11
CA SER A 166 15.61 -5.49 13.57
C SER A 166 14.66 -5.69 12.39
N GLY A 167 13.84 -6.73 12.44
CA GLY A 167 12.81 -6.90 11.43
C GLY A 167 11.79 -5.78 11.48
N TRP A 168 11.61 -5.20 12.68
CA TRP A 168 10.64 -4.12 12.88
C TRP A 168 11.20 -2.74 12.55
N ASN A 169 12.50 -2.68 12.26
CA ASN A 169 13.09 -1.51 11.65
C ASN A 169 12.50 -1.47 10.25
N LEU A 170 11.68 -0.47 9.94
CA LEU A 170 10.89 -0.54 8.71
C LEU A 170 11.72 -0.45 7.41
N ASN A 171 13.00 -0.11 7.51
CA ASN A 171 13.89 -0.21 6.34
C ASN A 171 14.18 -1.65 5.95
N ASN A 172 14.29 -2.52 6.94
CA ASN A 172 14.56 -3.93 6.70
C ASN A 172 13.38 -4.74 6.22
N MET A 173 12.20 -4.43 6.77
CA MET A 173 10.98 -5.17 6.47
C MET A 173 10.80 -5.56 4.98
N PRO A 174 11.02 -4.61 4.04
CA PRO A 174 10.85 -5.01 2.63
C PRO A 174 11.83 -6.08 2.15
N VAL A 175 13.05 -6.09 2.68
CA VAL A 175 14.11 -6.92 2.11
C VAL A 175 14.43 -8.15 2.92
N MET A 176 13.52 -8.55 3.81
CA MET A 176 13.65 -9.81 4.53
C MET A 176 13.30 -10.99 3.61
N GLU A 177 13.54 -12.20 4.11
CA GLU A 177 13.41 -13.39 3.28
C GLU A 177 11.95 -13.85 3.14
N GLN A 178 11.13 -13.60 4.17
CA GLN A 178 9.73 -13.96 4.08
C GLN A 178 8.93 -12.86 3.35
N SER A 179 9.64 -11.82 2.94
CA SER A 179 9.02 -10.76 2.14
C SER A 179 9.12 -11.07 0.64
N VAL A 180 8.15 -10.57 -0.13
CA VAL A 180 8.08 -10.92 -1.57
C VAL A 180 8.46 -9.73 -2.47
N LEU A 181 8.10 -8.51 -2.09
CA LEU A 181 8.59 -7.30 -2.79
C LEU A 181 10.11 -7.16 -2.85
N ALA A 182 10.80 -7.93 -2.03
CA ALA A 182 12.25 -7.91 -1.94
C ALA A 182 12.85 -8.16 -3.30
N HIS A 183 12.33 -9.16 -3.99
CA HIS A 183 12.98 -9.71 -5.17
C HIS A 183 12.67 -8.94 -6.44
N ILE A 184 11.66 -8.08 -6.41
CA ILE A 184 11.35 -7.25 -7.57
C ILE A 184 12.56 -6.40 -7.95
N THR A 185 13.05 -6.61 -9.16
CA THR A 185 14.19 -5.84 -9.66
C THR A 185 13.69 -4.55 -10.30
N ALA A 186 12.43 -4.54 -10.74
CA ALA A 186 11.82 -3.35 -11.32
C ALA A 186 11.77 -2.18 -10.31
N ASP A 187 11.69 -0.97 -10.84
CA ASP A 187 11.64 0.21 -9.98
C ASP A 187 10.26 0.35 -9.38
N ILE A 188 10.18 0.22 -8.05
CA ILE A 188 8.92 0.41 -7.34
C ILE A 188 9.18 1.21 -6.06
N CYS A 189 10.06 2.20 -6.17
CA CYS A 189 10.52 2.99 -5.01
C CYS A 189 9.38 3.55 -4.15
N GLY A 190 8.32 4.03 -4.79
CA GLY A 190 7.18 4.56 -4.07
C GLY A 190 6.52 3.53 -3.18
N MET A 191 6.90 2.27 -3.37
CA MET A 191 6.22 1.16 -2.73
C MET A 191 7.12 0.34 -1.80
N LYS A 192 8.44 0.37 -2.04
CA LYS A 192 9.35 -0.47 -1.26
C LYS A 192 10.16 0.32 -0.20
N LEU A 193 10.21 1.64 -0.38
CA LEU A 193 10.92 2.50 0.55
C LEU A 193 9.93 3.07 1.55
N PRO A 194 10.36 3.20 2.82
CA PRO A 194 9.46 3.83 3.80
C PRO A 194 9.11 5.28 3.44
N TRP A 195 7.90 5.69 3.84
CA TRP A 195 7.49 7.08 3.74
C TRP A 195 7.44 7.70 5.13
N LEU A 196 7.77 8.98 5.22
CA LEU A 196 7.73 9.72 6.47
C LEU A 196 6.52 10.66 6.49
N TYR A 197 5.84 10.74 7.63
CA TYR A 197 4.66 11.58 7.75
C TYR A 197 4.75 12.49 8.97
N VAL A 198 4.81 13.79 8.75
CA VAL A 198 4.78 14.75 9.83
C VAL A 198 3.35 15.28 10.01
N GLY A 199 2.72 14.95 11.12
CA GLY A 199 1.31 15.32 11.33
C GLY A 199 1.08 16.56 12.17
N MET A 200 -0.12 17.12 12.06
CA MET A 200 -0.58 18.15 12.99
C MET A 200 -2.06 17.85 13.30
N CYS A 201 -2.61 18.52 14.31
CA CYS A 201 -4.01 18.30 14.69
C CYS A 201 -4.95 18.38 13.47
N PHE A 202 -5.73 17.32 13.26
CA PHE A 202 -6.75 17.20 12.20
C PHE A 202 -6.19 16.85 10.81
N SER A 203 -4.87 16.86 10.62
CA SER A 203 -4.36 16.45 9.30
C SER A 203 -4.74 14.98 9.10
N SER A 204 -5.17 14.61 7.89
CA SER A 204 -5.84 13.33 7.77
C SER A 204 -5.41 12.52 6.56
N PHE A 205 -5.64 11.22 6.63
CA PHE A 205 -5.48 10.37 5.47
C PHE A 205 -6.84 9.83 5.05
N CYS A 206 -7.19 10.02 3.78
CA CYS A 206 -8.50 9.60 3.27
C CYS A 206 -8.60 8.09 3.18
N TRP A 207 -9.82 7.60 3.03
CA TRP A 207 -10.06 6.17 2.90
C TRP A 207 -9.29 5.63 1.71
N HIS A 208 -8.55 4.55 1.92
CA HIS A 208 -7.83 3.92 0.81
C HIS A 208 -7.42 2.51 1.16
N ILE A 209 -7.01 1.75 0.14
CA ILE A 209 -6.30 0.49 0.35
C ILE A 209 -4.94 0.63 -0.34
N GLU A 210 -4.03 -0.30 -0.04
CA GLU A 210 -2.66 -0.17 -0.54
C GLU A 210 -2.56 -0.66 -1.97
N ASP A 211 -1.61 -0.13 -2.72
CA ASP A 211 -1.36 -0.61 -4.07
C ASP A 211 -1.14 -2.13 -4.08
N HIS A 212 -1.71 -2.79 -5.08
CA HIS A 212 -1.67 -4.25 -5.21
C HIS A 212 -2.19 -4.99 -4.00
N TRP A 213 -3.04 -4.33 -3.22
CA TRP A 213 -3.62 -4.92 -2.00
C TRP A 213 -2.56 -5.42 -1.03
N SER A 214 -1.43 -4.72 -0.98
CA SER A 214 -0.38 -5.13 -0.06
C SER A 214 -0.74 -4.84 1.40
N TYR A 215 0.02 -5.43 2.32
CA TYR A 215 0.00 -4.99 3.73
C TYR A 215 0.59 -3.61 3.85
N SER A 216 0.32 -2.94 4.96
CA SER A 216 1.19 -1.85 5.33
C SER A 216 1.43 -1.94 6.84
N ILE A 217 2.51 -1.32 7.27
CA ILE A 217 2.86 -1.25 8.69
C ILE A 217 3.37 0.16 8.93
N ASN A 218 2.89 0.74 10.03
CA ASN A 218 3.06 2.15 10.32
C ASN A 218 3.58 2.27 11.76
N TYR A 219 4.66 2.99 11.95
CA TYR A 219 5.24 3.17 13.28
C TYR A 219 5.17 4.62 13.66
N LEU A 220 4.59 4.91 14.82
CA LEU A 220 4.60 6.29 15.30
C LEU A 220 5.82 6.53 16.15
N HIS A 221 6.80 7.24 15.61
CA HIS A 221 8.08 7.47 16.28
C HIS A 221 7.90 8.29 17.56
N TRP A 222 7.17 9.40 17.43
CA TRP A 222 6.91 10.28 18.58
C TRP A 222 5.78 11.27 18.32
N GLY A 223 5.33 11.91 19.40
CA GLY A 223 4.31 12.95 19.30
C GLY A 223 2.95 12.46 19.76
N GLU A 224 1.92 13.26 19.48
CA GLU A 224 0.55 12.91 19.87
C GLU A 224 -0.05 11.82 18.98
N PRO A 225 -1.14 11.17 19.44
CA PRO A 225 -1.60 9.97 18.75
C PRO A 225 -2.08 10.18 17.32
N LYS A 226 -2.14 9.07 16.59
CA LYS A 226 -2.78 9.02 15.29
C LYS A 226 -4.02 8.16 15.45
N THR A 227 -5.19 8.70 15.10
CA THR A 227 -6.44 7.98 15.21
C THR A 227 -6.76 7.28 13.89
N TRP A 228 -7.07 5.99 13.97
CA TRP A 228 -7.33 5.17 12.79
C TRP A 228 -8.74 4.64 12.73
N TYR A 229 -9.26 4.45 11.52
CA TYR A 229 -10.43 3.64 11.29
C TYR A 229 -10.08 2.60 10.23
N GLY A 230 -10.52 1.37 10.43
CA GLY A 230 -10.19 0.29 9.53
C GLY A 230 -11.35 -0.62 9.23
N VAL A 231 -11.34 -1.20 8.04
CA VAL A 231 -12.41 -2.07 7.58
C VAL A 231 -11.76 -3.37 7.08
N PRO A 232 -12.32 -4.53 7.45
CA PRO A 232 -11.68 -5.77 7.02
C PRO A 232 -11.76 -5.97 5.49
N GLY A 233 -10.76 -6.68 4.96
CA GLY A 233 -10.69 -6.94 3.54
C GLY A 233 -11.97 -7.50 2.93
N TYR A 234 -12.66 -8.35 3.68
CA TYR A 234 -13.86 -8.98 3.15
C TYR A 234 -14.98 -7.99 2.87
N ALA A 235 -14.92 -6.79 3.46
CA ALA A 235 -15.99 -5.80 3.29
C ALA A 235 -15.58 -4.69 2.34
N ALA A 236 -14.49 -4.88 1.61
CA ALA A 236 -13.99 -3.83 0.73
C ALA A 236 -15.02 -3.36 -0.31
N GLU A 237 -15.66 -4.31 -0.98
CA GLU A 237 -16.63 -3.96 -2.01
C GLU A 237 -17.90 -3.35 -1.40
N GLN A 238 -18.28 -3.80 -0.21
N GLN A 238 -18.25 -3.79 -0.19
CA GLN A 238 -19.40 -3.18 0.50
CA GLN A 238 -19.39 -3.21 0.50
C GLN A 238 -19.11 -1.70 0.70
C GLN A 238 -19.13 -1.72 0.77
N LEU A 239 -17.91 -1.40 1.19
CA LEU A 239 -17.52 -0.01 1.43
C LEU A 239 -17.52 0.79 0.14
N GLU A 240 -17.01 0.21 -0.93
CA GLU A 240 -16.92 0.96 -2.17
C GLU A 240 -18.33 1.28 -2.72
N ASN A 241 -19.24 0.35 -2.52
CA ASN A 241 -20.63 0.56 -2.94
C ASN A 241 -21.29 1.70 -2.16
N VAL A 242 -21.04 1.77 -0.86
CA VAL A 242 -21.54 2.89 -0.07
C VAL A 242 -20.95 4.19 -0.60
N MET A 243 -19.63 4.20 -0.78
CA MET A 243 -18.97 5.42 -1.23
C MET A 243 -19.42 5.83 -2.64
N LYS A 244 -19.60 4.85 -3.51
CA LYS A 244 -20.01 5.11 -4.89
C LYS A 244 -21.37 5.81 -4.93
N LYS A 245 -22.25 5.42 -4.02
CA LYS A 245 -23.57 6.02 -3.95
C LYS A 245 -23.48 7.47 -3.45
N LEU A 246 -22.67 7.71 -2.43
CA LEU A 246 -22.59 9.03 -1.82
C LEU A 246 -21.65 10.00 -2.53
N ALA A 247 -20.71 9.50 -3.31
CA ALA A 247 -19.74 10.37 -3.99
C ALA A 247 -19.21 9.75 -5.29
N PRO A 248 -20.09 9.64 -6.30
CA PRO A 248 -19.78 8.94 -7.56
C PRO A 248 -18.58 9.53 -8.32
N GLU A 249 -18.30 10.81 -8.12
CA GLU A 249 -17.17 11.48 -8.78
C GLU A 249 -15.85 10.77 -8.55
N LEU A 250 -15.72 10.13 -7.39
CA LEU A 250 -14.47 9.49 -7.01
C LEU A 250 -14.22 8.22 -7.80
N PHE A 251 -15.24 7.75 -8.50
CA PHE A 251 -15.14 6.46 -9.17
C PHE A 251 -15.04 6.57 -10.70
N VAL A 252 -14.86 7.78 -11.20
CA VAL A 252 -14.62 7.96 -12.64
C VAL A 252 -13.22 7.48 -12.99
N SER A 253 -13.05 7.02 -14.22
CA SER A 253 -11.76 6.48 -14.68
C SER A 253 -10.67 7.54 -14.55
N GLN A 254 -9.49 7.11 -14.16
CA GLN A 254 -8.37 8.04 -13.97
C GLN A 254 -7.27 7.81 -15.00
N PRO A 255 -6.67 8.90 -15.49
CA PRO A 255 -5.66 8.88 -16.55
C PRO A 255 -4.36 8.21 -16.13
N ASP A 256 -4.07 8.16 -14.83
CA ASP A 256 -2.86 7.49 -14.33
C ASP A 256 -2.92 7.26 -12.82
N LEU A 257 -1.81 6.74 -12.29
CA LEU A 257 -1.70 6.44 -10.86
C LEU A 257 -1.67 7.72 -10.03
N LEU A 258 -1.19 8.80 -10.62
CA LEU A 258 -1.05 10.07 -9.93
C LEU A 258 -2.35 10.86 -9.90
N HIS A 259 -3.47 10.18 -10.11
CA HIS A 259 -4.76 10.85 -10.16
C HIS A 259 -5.86 10.07 -9.44
N GLN A 260 -5.45 9.15 -8.56
CA GLN A 260 -6.42 8.45 -7.72
C GLN A 260 -7.16 9.44 -6.83
N LEU A 261 -8.49 9.36 -6.84
CA LEU A 261 -9.30 10.28 -6.03
C LEU A 261 -9.72 9.58 -4.74
N VAL A 262 -9.61 10.28 -3.63
CA VAL A 262 -9.97 9.71 -2.33
C VAL A 262 -10.69 10.74 -1.49
N THR A 263 -11.32 10.30 -0.41
CA THR A 263 -12.09 11.24 0.41
C THR A 263 -12.19 10.89 1.90
N ILE A 264 -12.58 11.89 2.68
CA ILE A 264 -12.94 11.76 4.07
C ILE A 264 -14.39 11.30 4.16
N MET A 265 -14.65 10.28 4.95
CA MET A 265 -16.03 9.87 5.18
C MET A 265 -16.24 9.32 6.59
N ASN A 266 -17.25 9.84 7.28
CA ASN A 266 -17.57 9.42 8.64
C ASN A 266 -17.78 7.92 8.76
N PRO A 267 -17.06 7.25 9.68
CA PRO A 267 -17.27 5.81 9.87
C PRO A 267 -18.70 5.47 10.26
N ASN A 268 -19.41 6.38 10.93
CA ASN A 268 -20.81 6.10 11.31
C ASN A 268 -21.68 5.90 10.05
N THR A 269 -21.32 6.57 8.97
CA THR A 269 -22.02 6.41 7.70
C THR A 269 -21.85 4.99 7.20
N LEU A 270 -20.62 4.48 7.26
CA LEU A 270 -20.38 3.09 6.90
C LEU A 270 -21.12 2.14 7.83
N MET A 271 -21.07 2.42 9.14
CA MET A 271 -21.72 1.56 10.12
C MET A 271 -23.23 1.53 9.93
N THR A 272 -23.79 2.65 9.51
CA THR A 272 -25.23 2.74 9.20
C THR A 272 -25.57 1.81 8.04
N HIS A 273 -24.63 1.63 7.12
CA HIS A 273 -24.84 0.75 5.97
C HIS A 273 -24.28 -0.64 6.19
N GLU A 274 -24.12 -1.01 7.45
CA GLU A 274 -23.69 -2.34 7.87
C GLU A 274 -22.30 -2.73 7.37
N VAL A 275 -21.44 -1.74 7.15
CA VAL A 275 -20.02 -2.00 6.93
C VAL A 275 -19.31 -2.02 8.26
N PRO A 276 -18.63 -3.13 8.61
CA PRO A 276 -17.93 -3.18 9.90
C PRO A 276 -16.71 -2.27 9.90
N VAL A 277 -16.60 -1.46 10.94
CA VAL A 277 -15.51 -0.49 11.08
C VAL A 277 -14.90 -0.59 12.47
N TYR A 278 -13.58 -0.55 12.57
CA TYR A 278 -12.90 -0.58 13.86
C TYR A 278 -12.04 0.66 14.01
N ARG A 279 -11.73 1.06 15.24
CA ARG A 279 -10.92 2.24 15.48
C ARG A 279 -9.74 1.92 16.39
N THR A 280 -8.79 2.84 16.43
CA THR A 280 -7.76 2.81 17.47
C THR A 280 -7.03 4.13 17.55
N ASN A 281 -6.48 4.43 18.72
CA ASN A 281 -5.54 5.53 18.87
C ASN A 281 -4.15 4.90 18.95
N GLN A 282 -3.36 5.12 17.91
CA GLN A 282 -1.97 4.68 17.87
C GLN A 282 -1.13 5.73 18.59
N CYS A 283 -0.48 5.34 19.68
CA CYS A 283 0.39 6.25 20.41
C CYS A 283 1.86 6.05 20.05
N ALA A 284 2.69 7.02 20.45
CA ALA A 284 4.13 6.97 20.20
C ALA A 284 4.71 5.63 20.66
N GLY A 285 5.51 5.00 19.79
CA GLY A 285 6.10 3.71 20.07
C GLY A 285 5.24 2.50 19.70
N GLU A 286 4.11 2.74 19.03
CA GLU A 286 3.24 1.64 18.68
C GLU A 286 3.14 1.49 17.15
N PHE A 287 2.91 0.25 16.73
CA PHE A 287 2.69 -0.07 15.34
C PHE A 287 1.21 -0.24 15.05
N VAL A 288 0.80 0.19 13.85
CA VAL A 288 -0.46 -0.27 13.28
C VAL A 288 -0.12 -1.08 12.01
N ILE A 289 -0.78 -2.24 11.85
CA ILE A 289 -0.64 -3.06 10.64
C ILE A 289 -1.97 -3.11 9.90
N THR A 290 -1.95 -2.85 8.60
CA THR A 290 -3.17 -3.00 7.81
C THR A 290 -3.01 -4.22 6.91
N PHE A 291 -4.10 -4.97 6.77
CA PHE A 291 -4.08 -6.25 6.04
C PHE A 291 -4.55 -6.07 4.58
N PRO A 292 -4.29 -7.06 3.71
CA PRO A 292 -4.64 -6.88 2.30
C PRO A 292 -6.09 -6.46 2.03
N ARG A 293 -6.27 -5.39 1.26
N ARG A 293 -6.23 -5.38 1.27
CA ARG A 293 -7.59 -4.92 0.85
CA ARG A 293 -7.50 -4.80 0.82
C ARG A 293 -8.38 -4.46 2.09
C ARG A 293 -8.33 -4.24 1.99
N ALA A 294 -7.67 -4.03 3.13
CA ALA A 294 -8.32 -3.43 4.31
C ALA A 294 -8.36 -1.91 4.15
N TYR A 295 -9.55 -1.38 3.94
CA TYR A 295 -9.71 0.06 3.87
C TYR A 295 -9.37 0.73 5.20
N HIS A 296 -8.67 1.86 5.14
CA HIS A 296 -8.40 2.61 6.37
C HIS A 296 -8.32 4.10 6.08
N SER A 297 -8.57 4.88 7.14
CA SER A 297 -8.47 6.33 7.09
C SER A 297 -8.20 6.80 8.52
N GLY A 298 -7.93 8.08 8.68
CA GLY A 298 -7.76 8.61 10.02
C GLY A 298 -7.25 10.02 10.04
N PHE A 299 -6.80 10.46 11.21
CA PHE A 299 -6.33 11.82 11.36
C PHE A 299 -5.37 11.89 12.55
N ASN A 300 -4.53 12.90 12.56
CA ASN A 300 -3.60 13.06 13.66
C ASN A 300 -4.19 13.95 14.76
N GLN A 301 -3.86 13.61 16.00
CA GLN A 301 -4.37 14.35 17.16
C GLN A 301 -3.58 15.61 17.45
N GLY A 302 -2.37 15.69 16.89
CA GLY A 302 -1.47 16.79 17.16
C GLY A 302 -0.16 16.58 16.42
N PHE A 303 0.84 17.39 16.73
CA PHE A 303 2.17 17.31 16.10
C PHE A 303 2.77 15.92 16.33
N ASN A 304 3.10 15.20 15.25
CA ASN A 304 3.72 13.89 15.39
C ASN A 304 4.53 13.48 14.15
N PHE A 305 5.12 12.29 14.22
CA PHE A 305 6.09 11.84 13.21
C PHE A 305 5.98 10.35 13.08
N ALA A 306 5.55 9.90 11.91
CA ALA A 306 5.30 8.49 11.68
C ALA A 306 6.09 8.04 10.46
N GLU A 307 6.21 6.74 10.33
CA GLU A 307 6.97 6.13 9.24
C GLU A 307 6.27 4.86 8.84
N ALA A 308 6.05 4.69 7.54
CA ALA A 308 5.29 3.53 7.11
C ALA A 308 5.86 2.92 5.82
N VAL A 309 5.56 1.65 5.63
CA VAL A 309 6.03 0.93 4.45
C VAL A 309 5.07 -0.17 4.07
N ASN A 310 4.97 -0.46 2.76
CA ASN A 310 4.19 -1.60 2.27
C ASN A 310 5.02 -2.87 2.34
N PHE A 311 4.36 -4.02 2.47
CA PHE A 311 5.05 -5.29 2.34
C PHE A 311 4.08 -6.39 1.94
N CYS A 312 4.65 -7.47 1.45
CA CYS A 312 3.87 -8.58 0.94
C CYS A 312 4.45 -9.88 1.45
N THR A 313 3.62 -10.64 2.14
CA THR A 313 3.99 -11.95 2.65
C THR A 313 3.60 -13.02 1.64
N VAL A 314 3.92 -14.28 1.91
CA VAL A 314 3.46 -15.38 1.04
C VAL A 314 1.94 -15.53 1.10
N ASP A 315 1.34 -15.21 2.24
CA ASP A 315 -0.10 -15.24 2.39
C ASP A 315 -0.79 -14.37 1.33
N TRP A 316 -0.09 -13.31 0.92
CA TRP A 316 -0.64 -12.30 0.04
C TRP A 316 -0.63 -12.70 -1.43
N LEU A 317 0.24 -13.64 -1.82
CA LEU A 317 0.48 -13.91 -3.24
C LEU A 317 -0.79 -14.13 -4.06
N PRO A 318 -1.70 -15.02 -3.61
CA PRO A 318 -2.89 -15.18 -4.46
C PRO A 318 -3.78 -13.94 -4.48
N LEU A 319 -3.77 -13.14 -3.41
CA LEU A 319 -4.50 -11.88 -3.43
C LEU A 319 -3.89 -10.90 -4.41
N GLY A 320 -2.56 -10.88 -4.48
CA GLY A 320 -1.85 -10.06 -5.44
C GLY A 320 -2.32 -10.39 -6.87
N ARG A 321 -2.43 -11.67 -7.17
CA ARG A 321 -2.89 -12.09 -8.50
C ARG A 321 -4.35 -11.60 -8.71
N GLN A 322 -5.18 -11.75 -7.68
N GLN A 322 -5.19 -11.75 -7.68
CA GLN A 322 -6.56 -11.31 -7.77
CA GLN A 322 -6.58 -11.28 -7.78
C GLN A 322 -6.68 -9.79 -7.91
C GLN A 322 -6.64 -9.78 -7.97
N CYS A 323 -5.78 -9.05 -7.28
CA CYS A 323 -5.78 -7.60 -7.40
C CYS A 323 -5.52 -7.14 -8.83
N VAL A 324 -4.56 -7.78 -9.50
CA VAL A 324 -4.21 -7.35 -10.85
C VAL A 324 -5.36 -7.64 -11.82
N GLU A 325 -6.07 -8.73 -11.58
CA GLU A 325 -7.26 -9.05 -12.34
C GLU A 325 -8.32 -7.95 -12.14
N HIS A 326 -8.48 -7.54 -10.87
CA HIS A 326 -9.39 -6.46 -10.53
C HIS A 326 -9.00 -5.14 -11.20
N TYR A 327 -7.70 -4.82 -11.21
CA TYR A 327 -7.21 -3.63 -11.91
C TYR A 327 -7.57 -3.70 -13.40
N ARG A 328 -7.45 -4.89 -13.99
N ARG A 328 -7.47 -4.90 -13.96
CA ARG A 328 -7.77 -5.06 -15.41
CA ARG A 328 -7.76 -5.14 -15.37
C ARG A 328 -9.24 -4.73 -15.64
C ARG A 328 -9.22 -4.82 -15.68
N LEU A 329 -10.10 -5.30 -14.81
CA LEU A 329 -11.53 -5.04 -14.94
C LEU A 329 -11.86 -3.55 -14.81
N LEU A 330 -11.11 -2.85 -13.97
CA LEU A 330 -11.32 -1.43 -13.75
C LEU A 330 -10.50 -0.53 -14.65
N HIS A 331 -9.63 -1.12 -15.49
CA HIS A 331 -8.70 -0.36 -16.32
C HIS A 331 -7.75 0.51 -15.51
N ARG A 332 -7.33 -0.01 -14.36
CA ARG A 332 -6.39 0.70 -13.48
C ARG A 332 -4.94 0.32 -13.76
N TYR A 333 -4.05 1.30 -13.78
CA TYR A 333 -2.62 1.04 -13.97
C TYR A 333 -2.02 0.24 -12.82
N CYS A 334 -1.06 -0.62 -13.16
CA CYS A 334 -0.35 -1.44 -12.18
C CYS A 334 0.91 -0.72 -11.73
N VAL A 335 1.36 -0.97 -10.50
CA VAL A 335 2.65 -0.45 -10.08
C VAL A 335 3.76 -1.35 -10.64
N PHE A 336 3.50 -2.65 -10.68
CA PHE A 336 4.45 -3.60 -11.28
C PHE A 336 3.69 -4.78 -11.88
N SER A 337 4.40 -5.60 -12.66
CA SER A 337 3.80 -6.84 -13.17
C SER A 337 3.93 -7.95 -12.15
N HIS A 338 2.79 -8.46 -11.69
CA HIS A 338 2.79 -9.57 -10.77
C HIS A 338 3.46 -10.81 -11.37
N ASP A 339 3.10 -11.16 -12.60
CA ASP A 339 3.73 -12.31 -13.28
C ASP A 339 5.25 -12.15 -13.42
N GLU A 340 5.71 -10.93 -13.70
CA GLU A 340 7.14 -10.68 -13.81
C GLU A 340 7.81 -10.97 -12.47
N MET A 341 7.15 -10.58 -11.38
CA MET A 341 7.70 -10.87 -10.05
C MET A 341 7.79 -12.37 -9.78
N ILE A 342 6.72 -13.08 -10.11
CA ILE A 342 6.66 -14.54 -9.96
C ILE A 342 7.82 -15.19 -10.74
N CYS A 343 8.01 -14.78 -11.99
CA CYS A 343 9.03 -15.42 -12.82
C CYS A 343 10.44 -15.05 -12.33
N LYS A 344 10.60 -13.83 -11.81
CA LYS A 344 11.89 -13.43 -11.25
C LYS A 344 12.23 -14.36 -10.10
N MET A 345 11.25 -14.61 -9.24
CA MET A 345 11.47 -15.49 -8.11
C MET A 345 11.75 -16.93 -8.57
N ALA A 346 10.96 -17.44 -9.51
CA ALA A 346 11.25 -18.76 -10.10
C ALA A 346 12.69 -18.85 -10.61
N SER A 347 13.17 -17.79 -11.24
CA SER A 347 14.52 -17.78 -11.80
C SER A 347 15.59 -17.80 -10.70
N LYS A 348 15.17 -17.57 -9.45
CA LYS A 348 16.08 -17.59 -8.30
C LYS A 348 15.66 -18.68 -7.30
N ALA A 349 15.02 -19.73 -7.80
CA ALA A 349 14.42 -20.74 -6.93
C ALA A 349 15.43 -21.31 -5.92
N ASP A 350 16.68 -21.48 -6.33
CA ASP A 350 17.68 -22.12 -5.47
C ASP A 350 18.03 -21.33 -4.21
N VAL A 351 17.81 -20.02 -4.20
CA VAL A 351 18.14 -19.23 -3.00
C VAL A 351 16.89 -18.76 -2.27
N LEU A 352 15.73 -19.15 -2.77
CA LEU A 352 14.49 -18.78 -2.12
C LEU A 352 14.33 -19.52 -0.80
N ASP A 353 13.74 -18.85 0.17
CA ASP A 353 13.22 -19.50 1.36
C ASP A 353 12.28 -20.62 0.92
N VAL A 354 12.20 -21.70 1.69
CA VAL A 354 11.50 -22.90 1.20
C VAL A 354 9.97 -22.80 1.21
N VAL A 355 9.41 -22.09 2.18
CA VAL A 355 7.96 -21.90 2.20
C VAL A 355 7.59 -20.88 1.13
N VAL A 356 8.47 -19.91 0.91
CA VAL A 356 8.28 -18.96 -0.18
C VAL A 356 8.25 -19.71 -1.51
N ALA A 357 9.25 -20.56 -1.74
CA ALA A 357 9.32 -21.37 -2.96
C ALA A 357 8.04 -22.18 -3.16
N SER A 358 7.56 -22.79 -2.09
CA SER A 358 6.34 -23.60 -2.17
C SER A 358 5.11 -22.77 -2.59
N THR A 359 5.02 -21.55 -2.06
CA THR A 359 3.87 -20.69 -2.33
C THR A 359 3.96 -20.07 -3.73
N VAL A 360 5.16 -19.69 -4.15
CA VAL A 360 5.36 -19.17 -5.49
C VAL A 360 4.99 -20.24 -6.51
N GLN A 361 5.38 -21.48 -6.22
CA GLN A 361 5.08 -22.59 -7.12
C GLN A 361 3.59 -22.70 -7.38
N LYS A 362 2.78 -22.55 -6.33
CA LYS A 362 1.34 -22.66 -6.49
C LYS A 362 0.76 -21.52 -7.33
N ASP A 363 1.26 -20.31 -7.14
CA ASP A 363 0.77 -19.17 -7.92
C ASP A 363 1.20 -19.36 -9.37
N MET A 364 2.44 -19.82 -9.57
CA MET A 364 2.96 -20.04 -10.91
C MET A 364 2.13 -21.07 -11.68
N ALA A 365 1.65 -22.11 -10.99
CA ALA A 365 0.87 -23.13 -11.65
C ALA A 365 -0.42 -22.55 -12.20
N ILE A 366 -1.04 -21.65 -11.44
CA ILE A 366 -2.25 -20.97 -11.89
C ILE A 366 -1.95 -20.07 -13.08
N MET A 367 -0.86 -19.31 -12.95
CA MET A 367 -0.39 -18.42 -14.00
C MET A 367 -0.22 -19.17 -15.32
N ILE A 368 0.44 -20.32 -15.24
CA ILE A 368 0.76 -21.09 -16.43
C ILE A 368 -0.52 -21.66 -17.04
N GLU A 369 -1.38 -22.21 -16.21
CA GLU A 369 -2.65 -22.74 -16.73
C GLU A 369 -3.53 -21.66 -17.34
N ASP A 370 -3.58 -20.47 -16.73
CA ASP A 370 -4.31 -19.36 -17.36
C ASP A 370 -3.69 -18.94 -18.68
N GLU A 371 -2.36 -18.92 -18.73
CA GLU A 371 -1.65 -18.45 -19.91
C GLU A 371 -1.89 -19.42 -21.08
N LYS A 372 -1.90 -20.70 -20.75
CA LYS A 372 -2.15 -21.74 -21.73
C LYS A 372 -3.52 -21.53 -22.39
N ALA A 373 -4.54 -21.30 -21.57
CA ALA A 373 -5.90 -21.08 -22.07
C ALA A 373 -6.00 -19.83 -22.92
N LEU A 374 -5.32 -18.76 -22.51
CA LEU A 374 -5.35 -17.49 -23.22
C LEU A 374 -4.70 -17.62 -24.60
N ARG A 375 -3.58 -18.34 -24.65
CA ARG A 375 -2.88 -18.50 -25.93
C ARG A 375 -3.71 -19.37 -26.89
N GLU A 376 -4.36 -20.41 -26.37
CA GLU A 376 -5.26 -21.22 -27.18
C GLU A 376 -6.39 -20.37 -27.79
N THR A 377 -6.97 -19.49 -26.98
CA THR A 377 -8.01 -18.58 -27.44
C THR A 377 -7.54 -17.64 -28.55
N VAL A 378 -6.35 -17.04 -28.42
CA VAL A 378 -5.97 -16.05 -29.43
C VAL A 378 -5.57 -16.77 -30.72
N ARG A 379 -5.05 -17.99 -30.61
CA ARG A 379 -4.75 -18.81 -31.79
C ARG A 379 -6.03 -19.08 -32.60
N LYS A 380 -7.12 -19.33 -31.90
CA LYS A 380 -8.40 -19.60 -32.54
C LYS A 380 -9.01 -18.34 -33.14
N LEU A 381 -8.49 -17.18 -32.73
CA LEU A 381 -8.94 -15.92 -33.31
C LEU A 381 -8.19 -15.61 -34.60
N GLY A 382 -7.17 -16.41 -34.91
CA GLY A 382 -6.46 -16.26 -36.16
C GLY A 382 -5.10 -15.60 -36.04
N VAL A 383 -4.64 -15.39 -34.82
CA VAL A 383 -3.27 -14.93 -34.60
C VAL A 383 -2.32 -16.12 -34.73
N ILE A 384 -1.47 -16.09 -35.74
CA ILE A 384 -0.62 -17.24 -36.02
C ILE A 384 0.85 -16.94 -35.78
N ASP A 385 1.26 -15.78 -36.27
CA ASP A 385 2.66 -15.39 -36.16
C ASP A 385 3.01 -15.16 -34.69
N SER A 386 4.23 -15.46 -34.29
CA SER A 386 4.64 -15.20 -32.91
C SER A 386 6.13 -14.89 -32.84
N GLU A 387 6.55 -14.19 -31.79
CA GLU A 387 7.96 -13.89 -31.56
C GLU A 387 8.24 -13.68 -30.08
N ARG A 388 9.31 -14.28 -29.58
N ARG A 388 9.33 -14.26 -29.59
CA ARG A 388 9.70 -14.07 -28.18
CA ARG A 388 9.76 -14.07 -28.21
C ARG A 388 9.98 -12.58 -27.98
C ARG A 388 10.08 -12.59 -27.95
N MET A 389 9.67 -12.08 -26.79
CA MET A 389 9.93 -10.68 -26.47
C MET A 389 10.26 -10.52 -25.00
N ASP A 390 11.37 -9.85 -24.71
CA ASP A 390 11.81 -9.63 -23.31
C ASP A 390 11.08 -8.43 -22.71
N PHE A 391 9.81 -8.65 -22.36
CA PHE A 391 8.94 -7.58 -21.83
C PHE A 391 9.57 -6.77 -20.70
N GLU A 392 10.39 -7.43 -19.86
CA GLU A 392 10.93 -6.74 -18.69
C GLU A 392 11.88 -5.59 -19.06
N LEU A 393 12.37 -5.56 -20.30
CA LEU A 393 13.26 -4.50 -20.75
C LEU A 393 12.50 -3.22 -21.16
N LEU A 394 11.22 -3.36 -21.46
CA LEU A 394 10.40 -2.22 -21.89
C LEU A 394 10.00 -1.38 -20.70
N PRO A 395 10.15 -0.05 -20.82
CA PRO A 395 9.56 0.83 -19.80
C PRO A 395 8.07 0.49 -19.67
N ASP A 396 7.52 0.64 -18.47
CA ASP A 396 6.13 0.29 -18.22
C ASP A 396 5.17 0.97 -19.21
N ASP A 397 5.43 2.22 -19.55
CA ASP A 397 4.50 2.95 -20.40
C ASP A 397 4.61 2.50 -21.86
N GLU A 398 5.50 1.56 -22.12
CA GLU A 398 5.59 0.98 -23.45
C GLU A 398 5.08 -0.46 -23.48
N ARG A 399 4.56 -0.97 -22.36
CA ARG A 399 3.96 -2.29 -22.41
C ARG A 399 2.65 -2.38 -21.63
N GLN A 400 1.87 -1.31 -21.67
CA GLN A 400 0.52 -1.34 -21.12
C GLN A 400 -0.51 -1.65 -22.20
N CYS A 401 -1.44 -2.55 -21.90
CA CYS A 401 -2.55 -2.86 -22.79
C CYS A 401 -3.32 -1.59 -23.14
N VAL A 402 -3.56 -1.37 -24.43
CA VAL A 402 -4.26 -0.17 -24.92
C VAL A 402 -5.62 0.00 -24.26
N LYS A 403 -6.28 -1.12 -24.05
CA LYS A 403 -7.62 -1.17 -23.51
C LYS A 403 -7.67 -1.10 -21.98
N CYS A 404 -7.03 -2.05 -21.31
CA CYS A 404 -7.23 -2.20 -19.86
C CYS A 404 -6.04 -1.70 -19.03
N LYS A 405 -4.97 -1.27 -19.72
CA LYS A 405 -3.80 -0.63 -19.11
C LYS A 405 -2.94 -1.59 -18.26
N THR A 406 -3.24 -2.88 -18.26
CA THR A 406 -2.41 -3.82 -17.46
C THR A 406 -0.96 -3.79 -17.96
N THR A 407 0.00 -4.03 -17.07
CA THR A 407 1.40 -4.12 -17.49
C THR A 407 1.65 -5.52 -18.02
N CYS A 408 1.99 -5.61 -19.30
CA CYS A 408 2.15 -6.92 -19.94
C CYS A 408 3.48 -7.56 -19.53
N PHE A 409 3.50 -8.89 -19.45
CA PHE A 409 4.76 -9.59 -19.24
C PHE A 409 4.73 -10.99 -19.87
N MET A 410 3.73 -11.80 -19.52
CA MET A 410 3.69 -13.16 -20.08
C MET A 410 3.54 -13.08 -21.59
N SER A 411 2.64 -12.20 -22.05
CA SER A 411 2.43 -12.06 -23.50
C SER A 411 1.59 -10.85 -23.87
N ALA A 412 1.59 -10.53 -25.16
CA ALA A 412 0.78 -9.44 -25.69
C ALA A 412 0.60 -9.63 -27.18
N ILE A 413 -0.29 -8.85 -27.78
CA ILE A 413 -0.47 -8.84 -29.23
C ILE A 413 -0.03 -7.50 -29.81
N SER A 414 0.72 -7.56 -30.91
CA SER A 414 1.12 -6.35 -31.61
C SER A 414 0.63 -6.44 -33.06
N CYS A 415 0.68 -5.32 -33.74
CA CYS A 415 0.37 -5.30 -35.17
C CYS A 415 1.22 -4.24 -35.84
N SER A 416 1.83 -4.61 -36.96
CA SER A 416 2.64 -3.69 -37.76
C SER A 416 1.90 -2.40 -38.10
N CYS A 417 0.57 -2.51 -38.22
N CYS A 417 0.59 -2.48 -38.22
CA CYS A 417 -0.30 -1.37 -38.51
CA CYS A 417 -0.20 -1.29 -38.54
C CYS A 417 -0.23 -0.29 -37.42
C CYS A 417 -0.20 -0.25 -37.41
N LYS A 418 0.03 -0.70 -36.17
CA LYS A 418 0.10 0.22 -35.04
C LYS A 418 1.40 0.02 -34.24
N PRO A 419 2.53 0.47 -34.82
CA PRO A 419 3.85 0.21 -34.20
C PRO A 419 3.93 0.67 -32.75
N GLY A 420 4.38 -0.23 -31.87
CA GLY A 420 4.60 0.10 -30.48
C GLY A 420 3.39 -0.15 -29.59
N LEU A 421 2.21 -0.25 -30.18
CA LEU A 421 1.00 -0.50 -29.41
C LEU A 421 0.84 -1.98 -29.07
N LEU A 422 0.32 -2.25 -27.88
CA LEU A 422 0.14 -3.61 -27.41
C LEU A 422 -1.21 -3.77 -26.73
N VAL A 423 -1.79 -4.96 -26.85
CA VAL A 423 -2.91 -5.34 -26.01
C VAL A 423 -2.57 -6.65 -25.31
N CYS A 424 -3.14 -6.86 -24.12
CA CYS A 424 -3.01 -8.13 -23.43
C CYS A 424 -3.93 -9.11 -24.15
N LEU A 425 -3.84 -10.38 -23.80
CA LEU A 425 -4.53 -11.41 -24.57
C LEU A 425 -6.03 -11.40 -24.30
N HIS A 426 -6.48 -10.59 -23.34
CA HIS A 426 -7.91 -10.42 -23.11
C HIS A 426 -8.55 -9.46 -24.11
N HIS A 427 -7.72 -8.65 -24.76
CA HIS A 427 -8.24 -7.57 -25.58
C HIS A 427 -7.67 -7.55 -27.01
N VAL A 428 -7.51 -8.75 -27.57
CA VAL A 428 -7.08 -8.88 -28.96
C VAL A 428 -7.92 -8.04 -29.94
N LYS A 429 -9.23 -7.93 -29.71
CA LYS A 429 -10.10 -7.15 -30.60
C LYS A 429 -9.89 -5.64 -30.54
N GLU A 430 -9.14 -5.16 -29.56
CA GLU A 430 -9.08 -3.72 -29.31
C GLU A 430 -7.81 -3.06 -29.82
N LEU A 431 -6.98 -3.79 -30.55
CA LEU A 431 -5.69 -3.25 -30.98
C LEU A 431 -5.79 -2.39 -32.25
N CYS A 432 -6.42 -2.91 -33.29
CA CYS A 432 -6.59 -2.18 -34.55
C CYS A 432 -7.59 -2.86 -35.48
N SER A 433 -7.86 -2.23 -36.62
CA SER A 433 -8.88 -2.75 -37.52
C SER A 433 -8.35 -3.81 -38.49
N CYS A 434 -7.03 -3.99 -38.54
CA CYS A 434 -6.44 -5.01 -39.41
C CYS A 434 -6.94 -6.40 -39.03
N PRO A 435 -6.97 -7.33 -40.00
CA PRO A 435 -7.30 -8.72 -39.69
C PRO A 435 -6.24 -9.38 -38.83
N PRO A 436 -6.64 -10.29 -37.94
CA PRO A 436 -5.76 -11.02 -37.02
C PRO A 436 -4.56 -11.73 -37.67
N TYR A 437 -4.58 -12.03 -38.97
CA TYR A 437 -3.41 -12.69 -39.56
C TYR A 437 -2.24 -11.71 -39.65
N LYS A 438 -2.53 -10.43 -39.51
CA LYS A 438 -1.49 -9.40 -39.47
C LYS A 438 -0.87 -9.21 -38.08
N TYR A 439 -1.42 -9.89 -37.08
CA TYR A 439 -1.00 -9.73 -35.67
C TYR A 439 0.17 -10.65 -35.34
N LYS A 440 0.89 -10.34 -34.26
CA LYS A 440 1.91 -11.24 -33.74
C LYS A 440 1.64 -11.49 -32.27
N LEU A 441 1.71 -12.75 -31.84
CA LEU A 441 1.82 -13.01 -30.42
C LEU A 441 3.26 -12.78 -29.96
N ARG A 442 3.43 -11.80 -29.07
CA ARG A 442 4.71 -11.58 -28.41
CA ARG A 442 4.71 -11.58 -28.41
C ARG A 442 4.68 -12.23 -27.05
N TYR A 443 5.65 -13.08 -26.76
CA TYR A 443 5.60 -13.86 -25.52
C TYR A 443 6.95 -13.90 -24.83
N ARG A 444 6.94 -13.93 -23.50
CA ARG A 444 8.21 -13.94 -22.78
C ARG A 444 8.81 -15.35 -22.79
N TYR A 445 7.96 -16.34 -22.60
CA TYR A 445 8.38 -17.73 -22.46
C TYR A 445 7.46 -18.65 -23.25
N THR A 446 8.01 -19.73 -23.82
CA THR A 446 7.15 -20.79 -24.31
C THR A 446 6.62 -21.54 -23.10
N LEU A 447 5.48 -22.21 -23.24
CA LEU A 447 4.99 -23.09 -22.19
C LEU A 447 6.05 -24.11 -21.79
N ASP A 448 6.83 -24.59 -22.76
CA ASP A 448 7.92 -25.51 -22.46
C ASP A 448 9.05 -24.90 -21.62
N ASP A 449 9.28 -23.58 -21.72
CA ASP A 449 10.25 -22.89 -20.85
C ASP A 449 9.72 -22.86 -19.41
N LEU A 450 8.42 -22.67 -19.28
CA LEU A 450 7.79 -22.40 -18.00
C LEU A 450 7.75 -23.59 -17.05
N TYR A 451 7.46 -24.78 -17.57
CA TYR A 451 7.33 -25.95 -16.68
C TYR A 451 8.63 -26.30 -15.92
N PRO A 452 9.82 -26.21 -16.54
CA PRO A 452 11.06 -26.40 -15.78
C PRO A 452 11.29 -25.32 -14.71
N MET A 453 10.85 -24.10 -14.95
CA MET A 453 11.01 -23.04 -13.94
C MET A 453 10.18 -23.42 -12.72
N MET A 454 8.96 -23.88 -12.98
CA MET A 454 8.11 -24.27 -11.87
C MET A 454 8.69 -25.49 -11.15
N ASN A 455 9.31 -26.40 -11.90
N ASN A 455 9.33 -26.38 -11.89
CA ASN A 455 9.95 -27.58 -11.33
CA ASN A 455 9.92 -27.58 -11.30
C ASN A 455 11.09 -27.26 -10.37
C ASN A 455 11.11 -27.28 -10.38
N ALA A 456 11.85 -26.21 -10.68
CA ALA A 456 12.94 -25.79 -9.83
C ALA A 456 12.41 -25.38 -8.46
N LEU A 457 11.29 -24.68 -8.45
CA LEU A 457 10.64 -24.28 -7.20
C LEU A 457 10.19 -25.49 -6.41
N LYS A 458 9.66 -26.49 -7.10
CA LYS A 458 9.21 -27.73 -6.47
C LYS A 458 10.39 -28.43 -5.78
N LEU A 459 11.52 -28.54 -6.49
CA LEU A 459 12.73 -29.13 -5.91
C LEU A 459 13.22 -28.35 -4.69
N ARG A 460 13.18 -27.03 -4.77
CA ARG A 460 13.60 -26.21 -3.64
C ARG A 460 12.65 -26.42 -2.47
N ALA A 461 11.35 -26.45 -2.76
CA ALA A 461 10.33 -26.65 -1.74
C ALA A 461 10.36 -28.09 -1.21
N GLU A 462 10.88 -29.00 -2.03
CA GLU A 462 11.00 -30.43 -1.73
C GLU A 462 9.64 -31.02 -1.44
ZN ZN B . -5.98 -5.70 -21.70
MN MN C . -2.33 3.20 4.02
N1 EPE D . -10.86 2.26 -6.34
C2 EPE D . -10.70 3.44 -7.20
C3 EPE D . -11.78 4.50 -6.91
N4 EPE D . -11.92 4.72 -5.48
C5 EPE D . -11.94 3.57 -4.59
C6 EPE D . -10.79 2.64 -4.93
C7 EPE D . -12.38 6.01 -4.98
C8 EPE D . -11.77 6.33 -3.61
O8 EPE D . -12.62 5.85 -2.59
C9 EPE D . -9.76 1.31 -6.60
C10 EPE D . -10.13 -0.08 -6.14
S EPE D . -8.72 -1.20 -6.37
O1S EPE D . -8.97 -2.54 -5.83
O2S EPE D . -7.54 -0.62 -5.75
O3S EPE D . -8.54 -1.34 -7.82
C1 EDO E . 0.00 -10.22 -19.31
O1 EDO E . 1.04 -10.08 -20.33
C2 EDO E . 0.28 -11.35 -18.31
O2 EDO E . 1.54 -11.20 -17.60
C1 EDO F . 3.48 -19.55 -28.82
O1 EDO F . 3.16 -19.77 -27.44
C2 EDO F . 4.96 -19.82 -28.99
O2 EDO F . 5.32 -20.90 -28.13
C1 EDO G . -2.45 -13.78 -16.55
O1 EDO G . -1.34 -13.82 -15.64
C2 EDO G . -2.20 -14.84 -17.63
O2 EDO G . -1.38 -15.87 -17.08
C1 EDO H . -18.55 -1.68 13.62
O1 EDO H . -19.86 -1.84 14.18
C2 EDO H . -17.82 -3.02 13.68
O2 EDO H . -18.77 -4.09 13.94
C1 EDO I . 1.62 -0.22 -25.63
O1 EDO I . 0.19 -0.06 -25.78
C2 EDO I . 2.23 0.99 -24.92
O2 EDO I . 1.98 0.94 -23.50
C1 EDO J . -9.59 -9.62 0.69
O1 EDO J . -10.66 -10.20 1.47
C2 EDO J . -9.79 -9.93 -0.80
O2 EDO J . -10.96 -9.25 -1.28
C1 EDO K . 0.23 -17.61 -31.92
O1 EDO K . -1.17 -17.79 -31.67
C2 EDO K . 0.93 -18.96 -32.10
O2 EDO K . 0.59 -19.50 -33.38
C1 EDO L . -28.93 0.12 2.95
O1 EDO L . -28.86 1.23 2.03
C2 EDO L . -28.01 -0.99 2.48
O2 EDO L . -26.64 -0.56 2.55
C1 EDO M . -1.42 13.74 7.72
O1 EDO M . -1.55 13.61 6.30
C2 EDO M . 0.02 13.98 8.14
O2 EDO M . 0.89 12.91 7.73
C1 EDO N . 2.16 2.97 3.62
O1 EDO N . 1.75 4.31 3.97
C2 EDO N . 3.47 3.03 2.84
O2 EDO N . 3.36 3.98 1.76
C1 EDO O . 2.07 12.65 23.12
O1 EDO O . 0.90 12.16 23.80
C2 EDO O . 3.38 12.16 23.74
O2 EDO O . 3.61 10.74 23.55
C1 EDO P . 11.83 0.70 -26.82
O1 EDO P . 12.41 1.29 -25.65
C2 EDO P . 12.37 1.43 -28.06
O2 EDO P . 13.80 1.50 -27.95
C1 EDO Q . 11.97 -11.87 -15.63
O1 EDO Q . 11.27 -11.67 -14.39
C2 EDO Q . 13.30 -12.60 -15.40
O2 EDO Q . 13.07 -13.73 -14.54
C1 EDO R . 8.18 -6.80 -37.20
O1 EDO R . 8.16 -5.38 -37.39
C2 EDO R . 9.57 -7.27 -36.74
O2 EDO R . 9.78 -6.95 -35.36
C1 EDO S . -4.24 10.48 1.25
O1 EDO S . -5.30 11.11 1.99
C2 EDO S . -4.14 9.00 1.60
O2 EDO S . -5.37 8.34 1.26
C1 EDO T . -3.61 26.21 9.48
O1 EDO T . -2.97 27.30 10.16
C2 EDO T . -2.70 25.68 8.37
O2 EDO T . -1.47 25.18 8.93
C1 EDO U . 6.18 -4.19 -29.81
O1 EDO U . 6.06 -4.84 -31.10
C2 EDO U . 7.41 -3.31 -29.81
O2 EDO U . 7.63 -2.84 -28.47
O1 OAA V . -0.27 4.07 6.62
O2 OAA V . -1.98 4.90 5.39
O4 OAA V . -0.82 9.77 7.11
O5 OAA V . 0.08 8.39 8.62
O3 OAA V . -0.89 7.53 5.41
C1 OAA V . -1.14 4.93 6.41
C2 OAA V . -1.33 6.11 7.31
C3 OAA V . -0.92 7.42 6.64
C4 OAA V . -0.54 8.64 7.49
CL CL W . -16.15 21.68 6.55
P PO4 X . -13.58 -4.93 -20.98
O1 PO4 X . -15.06 -5.12 -20.82
O2 PO4 X . -12.92 -6.28 -21.24
O3 PO4 X . -13.30 -4.00 -22.14
O4 PO4 X . -12.98 -4.30 -19.75
#